data_2Z70
#
_entry.id   2Z70
#
_cell.length_a   35.556
_cell.length_b   49.758
_cell.length_c   143.108
_cell.angle_alpha   90.00
_cell.angle_beta   90.00
_cell.angle_gamma   90.00
#
_symmetry.space_group_name_H-M   'P 21 21 21'
#
loop_
_entity.id
_entity.type
_entity.pdbx_description
1 polymer "DNA (5'-D(*DCP*DGP*DCP*DGP*DAP*DTP*DCP*DGP*DCP*DG)-3')"
2 polymer 'Ribonuclease I'
3 non-polymer 'CALCIUM ION'
4 water water
#
loop_
_entity_poly.entity_id
_entity_poly.type
_entity_poly.pdbx_seq_one_letter_code
_entity_poly.pdbx_strand_id
1 'polydeoxyribonucleotide' (DC)(DG)(DC)(DG)(DA)(DC)(DG) B
2 'polypeptide(L)'
;LALQAKQYGDFDRYVLALSWQTGFCQSQHDRNRNERDECRLQTETTNKADFLTVHGLWPGLPKSVAARGVDERRWMRFGC
ATRPIPNLPEARASRMCSSPETGLSLETAAKLSEVMPGAGGRSCLERYEYAKHGACFGFDPDAYFGTMVRLNQEIKESEA
GKFLADNYGKTVSRRDFDAAFAKSWGKENVKAVKLTCQGNPAYLTEIQISIKADAINAPLSANSFLPQPHPGNCGKTFVI
DKAGY
;
A
#
loop_
_chem_comp.id
_chem_comp.type
_chem_comp.name
_chem_comp.formula
CA non-polymer 'CALCIUM ION' 'Ca 2'
DA DNA linking 2'-DEOXYADENOSINE-5'-MONOPHOSPHATE 'C10 H14 N5 O6 P'
DC DNA linking 2'-DEOXYCYTIDINE-5'-MONOPHOSPHATE 'C9 H14 N3 O7 P'
DG DNA linking 2'-DEOXYGUANOSINE-5'-MONOPHOSPHATE 'C10 H14 N5 O7 P'
DT DNA linking THYMIDINE-5'-MONOPHOSPHATE 'C10 H15 N2 O8 P'
#
# COMPACT_ATOMS: atom_id res chain seq x y z
N LEU B 1 -9.43 -16.22 6.32
CA LEU B 1 -10.79 -16.00 5.81
C LEU B 1 -10.76 -15.15 4.53
N ALA B 2 -11.84 -15.26 3.74
CA ALA B 2 -11.98 -14.50 2.51
C ALA B 2 -12.37 -13.05 2.74
N LEU B 3 -11.69 -12.15 2.05
CA LEU B 3 -12.03 -10.76 2.07
C LEU B 3 -13.20 -10.52 1.11
N GLN B 4 -14.31 -10.02 1.64
CA GLN B 4 -15.50 -9.79 0.83
C GLN B 4 -16.22 -8.54 1.32
N ALA B 5 -16.65 -7.71 0.37
CA ALA B 5 -17.47 -6.54 0.67
C ALA B 5 -18.90 -7.00 0.94
N LYS B 6 -19.49 -6.41 1.97
CA LYS B 6 -20.93 -6.59 2.26
C LYS B 6 -21.83 -5.62 1.48
N GLN B 7 -21.27 -4.48 1.08
CA GLN B 7 -21.93 -3.53 0.18
C GLN B 7 -20.83 -2.75 -0.53
N TYR B 8 -21.20 -2.06 -1.61
CA TYR B 8 -20.25 -1.31 -2.44
C TYR B 8 -19.16 -2.14 -3.08
N GLY B 9 -19.42 -3.42 -3.29
CA GLY B 9 -18.42 -4.34 -3.81
C GLY B 9 -18.18 -4.21 -5.30
N ASP B 10 -18.88 -3.28 -5.94
CA ASP B 10 -18.82 -3.07 -7.38
C ASP B 10 -17.70 -2.12 -7.79
N PHE B 11 -16.46 -2.41 -7.35
CA PHE B 11 -15.27 -1.70 -7.79
C PHE B 11 -14.35 -2.67 -8.56
N ASP B 12 -13.46 -2.10 -9.36
CA ASP B 12 -12.70 -2.89 -10.34
C ASP B 12 -11.45 -3.55 -9.75
N ARG B 13 -10.80 -2.83 -8.85
CA ARG B 13 -9.48 -3.22 -8.40
C ARG B 13 -9.28 -2.85 -6.94
N TYR B 14 -8.28 -3.50 -6.34
CA TYR B 14 -7.66 -2.99 -5.10
C TYR B 14 -6.30 -2.48 -5.48
N VAL B 15 -5.87 -1.42 -4.83
CA VAL B 15 -4.48 -1.01 -4.92
C VAL B 15 -3.80 -1.47 -3.63
N LEU B 16 -2.81 -2.36 -3.77
CA LEU B 16 -1.94 -2.71 -2.63
C LEU B 16 -0.85 -1.65 -2.59
N ALA B 17 -0.80 -0.87 -1.50
CA ALA B 17 0.15 0.23 -1.39
C ALA B 17 1.21 -0.24 -0.43
N LEU B 18 2.43 -0.33 -0.96
CA LEU B 18 3.57 -0.82 -0.17
C LEU B 18 4.55 0.31 -0.01
N SER B 19 4.97 0.59 1.20
CA SER B 19 5.99 1.60 1.40
C SER B 19 7.36 0.96 1.24
N TRP B 20 8.28 1.69 0.64
CA TRP B 20 9.68 1.37 0.81
C TRP B 20 10.02 2.16 2.08
N GLN B 21 10.06 1.45 3.21
CA GLN B 21 9.93 2.11 4.53
C GLN B 21 11.05 3.09 4.80
N THR B 22 12.25 2.75 4.35
CA THR B 22 13.39 3.63 4.54
C THR B 22 13.17 4.93 3.78
N GLY B 23 12.73 4.84 2.52
CA GLY B 23 12.42 6.02 1.71
C GLY B 23 11.26 6.83 2.30
N PHE B 24 10.24 6.15 2.81
CA PHE B 24 9.14 6.85 3.45
C PHE B 24 9.70 7.73 4.58
N CYS B 25 10.51 7.12 5.45
CA CYS B 25 11.08 7.84 6.59
C CYS B 25 11.99 8.97 6.10
N GLN B 26 12.77 8.68 5.06
CA GLN B 26 13.66 9.66 4.45
C GLN B 26 12.88 10.88 3.98
N SER B 27 11.75 10.64 3.32
CA SER B 27 10.93 11.72 2.75
C SER B 27 10.31 12.60 3.85
N GLN B 28 9.93 11.98 4.96
CA GLN B 28 9.34 12.74 6.07
C GLN B 28 10.39 13.63 6.73
N HIS B 29 11.59 13.09 6.85
CA HIS B 29 12.79 13.78 7.32
C HIS B 29 13.16 14.94 6.40
N ASP B 30 13.30 14.65 5.10
CA ASP B 30 13.65 15.67 4.09
C ASP B 30 12.67 16.86 4.07
N ARG B 31 11.40 16.59 4.37
CA ARG B 31 10.37 17.63 4.34
C ARG B 31 10.13 18.25 5.72
N ASN B 32 11.09 18.02 6.63
CA ASN B 32 11.03 18.52 8.01
C ASN B 32 9.70 18.24 8.72
N ARG B 33 9.19 17.01 8.56
CA ARG B 33 8.00 16.58 9.30
C ARG B 33 8.45 15.96 10.62
N ASN B 34 7.58 16.01 11.63
CA ASN B 34 7.88 15.40 12.92
C ASN B 34 8.19 13.91 12.75
N GLU B 35 9.32 13.48 13.32
CA GLU B 35 9.74 12.08 13.25
C GLU B 35 8.72 11.15 13.90
N ARG B 36 8.45 10.02 13.25
CA ARG B 36 7.54 9.00 13.75
C ARG B 36 8.35 7.93 14.47
N ASP B 37 7.77 7.32 15.51
CA ASP B 37 8.48 6.27 16.24
C ASP B 37 8.98 5.15 15.35
N GLU B 38 8.14 4.74 14.39
N GLU B 38 8.14 4.77 14.37
CA GLU B 38 8.51 3.71 13.40
CA GLU B 38 8.47 3.72 13.39
C GLU B 38 9.80 4.05 12.68
C GLU B 38 9.76 4.05 12.62
N CYS B 39 10.04 5.34 12.48
CA CYS B 39 11.23 5.82 11.76
C CYS B 39 12.45 6.14 12.64
N ARG B 40 12.21 6.49 13.91
CA ARG B 40 13.21 7.12 14.79
C ARG B 40 14.64 6.55 14.76
N LEU B 41 14.76 5.25 14.99
CA LEU B 41 16.07 4.61 15.15
C LEU B 41 16.80 4.33 13.84
N GLN B 42 16.06 4.30 12.73
CA GLN B 42 16.60 3.90 11.42
C GLN B 42 17.20 2.50 11.54
N THR B 43 16.41 1.60 12.13
CA THR B 43 16.86 0.25 12.45
C THR B 43 17.12 -0.58 11.18
N GLU B 44 18.32 -1.16 11.11
CA GLU B 44 18.69 -2.05 10.00
C GLU B 44 18.11 -3.46 10.20
N THR B 45 18.13 -4.25 9.14
CA THR B 45 17.50 -5.57 9.16
C THR B 45 18.25 -6.52 8.23
N THR B 46 18.27 -7.80 8.55
CA THR B 46 19.04 -8.79 7.79
C THR B 46 18.55 -8.94 6.34
N ASN B 47 17.26 -9.25 6.15
CA ASN B 47 16.66 -9.35 4.82
C ASN B 47 16.19 -7.96 4.44
N LYS B 48 16.93 -7.29 3.58
CA LYS B 48 16.57 -5.90 3.20
C LYS B 48 15.19 -5.83 2.57
N ALA B 49 14.69 -6.94 2.03
CA ALA B 49 13.33 -6.95 1.47
C ALA B 49 12.28 -6.58 2.52
N ASP B 50 12.64 -6.76 3.81
CA ASP B 50 11.71 -6.44 4.90
C ASP B 50 11.46 -4.94 5.10
N PHE B 51 12.22 -4.09 4.40
CA PHE B 51 11.86 -2.68 4.33
C PHE B 51 10.66 -2.40 3.43
N LEU B 52 10.20 -3.41 2.70
CA LEU B 52 8.99 -3.22 1.90
C LEU B 52 7.84 -3.54 2.83
N THR B 53 7.13 -2.50 3.26
CA THR B 53 6.08 -2.67 4.29
C THR B 53 4.71 -2.40 3.68
N VAL B 54 3.66 -2.72 4.43
CA VAL B 54 2.28 -2.46 4.01
C VAL B 54 1.82 -1.05 4.40
N HIS B 55 1.38 -0.25 3.43
CA HIS B 55 0.76 1.04 3.73
C HIS B 55 -0.77 0.82 3.78
N GLY B 56 -1.31 0.10 2.81
CA GLY B 56 -2.75 -0.10 2.79
C GLY B 56 -3.22 -0.99 1.65
N LEU B 57 -4.53 -1.23 1.60
CA LEU B 57 -5.13 -2.01 0.53
C LEU B 57 -6.39 -1.24 0.17
N TRP B 58 -6.40 -0.66 -1.00
CA TRP B 58 -7.36 0.40 -1.25
C TRP B 58 -8.35 0.02 -2.35
N PRO B 59 -9.63 -0.25 -1.99
CA PRO B 59 -10.60 -0.48 -3.07
C PRO B 59 -10.72 0.71 -4.00
N GLY B 60 -10.99 0.43 -5.28
CA GLY B 60 -11.21 1.50 -6.24
C GLY B 60 -12.61 2.08 -6.05
N LEU B 61 -12.91 3.08 -6.86
CA LEU B 61 -14.21 3.75 -6.81
C LEU B 61 -15.38 2.79 -7.14
N PRO B 62 -16.26 2.52 -6.15
CA PRO B 62 -17.41 1.64 -6.47
C PRO B 62 -18.36 2.33 -7.44
N LYS B 63 -18.94 1.57 -8.35
CA LYS B 63 -19.78 2.12 -9.41
C LYS B 63 -21.03 2.80 -8.84
N SER B 64 -21.56 2.24 -7.74
CA SER B 64 -22.70 2.79 -7.02
CA SER B 64 -22.71 2.81 -7.05
C SER B 64 -22.37 4.19 -6.50
N VAL B 65 -21.13 4.35 -6.04
CA VAL B 65 -20.65 5.59 -5.47
C VAL B 65 -20.39 6.61 -6.58
N ALA B 66 -19.74 6.15 -7.65
CA ALA B 66 -19.49 6.98 -8.84
C ALA B 66 -20.80 7.56 -9.36
N ALA B 67 -21.86 6.73 -9.35
CA ALA B 67 -23.18 7.17 -9.86
C ALA B 67 -23.76 8.39 -9.10
N ARG B 68 -23.27 8.62 -7.88
CA ARG B 68 -23.74 9.75 -7.08
C ARG B 68 -22.88 11.00 -7.13
N GLY B 69 -22.16 11.18 -8.24
CA GLY B 69 -21.39 12.40 -8.47
C GLY B 69 -20.02 12.44 -7.85
N VAL B 70 -19.54 11.26 -7.45
CA VAL B 70 -18.22 11.10 -6.87
C VAL B 70 -17.23 10.69 -7.96
N ASP B 71 -16.15 11.45 -8.09
CA ASP B 71 -15.11 11.11 -9.04
C ASP B 71 -13.90 10.51 -8.34
N GLU B 72 -12.89 10.15 -9.14
CA GLU B 72 -11.68 9.53 -8.62
CA GLU B 72 -11.66 9.54 -8.64
C GLU B 72 -10.98 10.39 -7.57
N ARG B 73 -10.86 11.68 -7.83
CA ARG B 73 -10.20 12.60 -6.90
C ARG B 73 -10.82 12.56 -5.52
N ARG B 74 -12.15 12.71 -5.47
CA ARG B 74 -12.90 12.69 -4.22
C ARG B 74 -12.74 11.34 -3.52
N TRP B 75 -12.87 10.28 -4.31
CA TRP B 75 -12.71 8.93 -3.77
C TRP B 75 -11.32 8.74 -3.15
N MET B 76 -10.30 9.18 -3.87
CA MET B 76 -8.93 9.08 -3.35
C MET B 76 -8.74 9.89 -2.10
N ARG B 77 -9.40 11.05 -2.02
CA ARG B 77 -9.21 11.96 -0.89
C ARG B 77 -9.94 11.47 0.35
N PHE B 78 -11.15 10.94 0.18
CA PHE B 78 -12.02 10.63 1.33
C PHE B 78 -12.36 9.17 1.56
N GLY B 79 -12.27 8.36 0.51
CA GLY B 79 -12.59 6.94 0.62
C GLY B 79 -13.95 6.71 1.25
N CYS B 80 -14.00 5.96 2.34
CA CYS B 80 -15.28 5.63 2.98
C CYS B 80 -16.09 6.84 3.44
N ALA B 81 -15.44 7.99 3.55
CA ALA B 81 -16.05 9.22 4.04
C ALA B 81 -16.52 10.13 2.89
N THR B 82 -16.48 9.63 1.66
CA THR B 82 -16.94 10.37 0.51
CA THR B 82 -16.94 10.45 0.54
C THR B 82 -18.42 10.76 0.71
N ARG B 83 -18.78 11.96 0.27
CA ARG B 83 -20.19 12.38 0.22
C ARG B 83 -20.67 12.39 -1.21
N PRO B 84 -21.96 12.04 -1.43
CA PRO B 84 -23.00 11.76 -0.41
C PRO B 84 -22.98 10.36 0.21
N ILE B 85 -22.31 9.39 -0.41
CA ILE B 85 -22.03 8.03 0.02
C ILE B 85 -20.58 7.65 -0.26
N PRO B 86 -20.13 6.70 0.59
CA PRO B 86 -20.79 6.04 1.75
C PRO B 86 -20.97 6.91 2.99
N ASN B 87 -20.26 8.03 3.04
CA ASN B 87 -20.39 9.04 4.07
C ASN B 87 -20.22 8.47 5.48
N LEU B 88 -19.23 7.58 5.65
CA LEU B 88 -18.87 7.11 6.99
C LEU B 88 -17.95 8.15 7.61
N PRO B 89 -17.69 8.04 8.94
CA PRO B 89 -16.86 9.09 9.57
C PRO B 89 -15.47 9.23 8.91
N GLU B 90 -15.01 10.47 8.80
CA GLU B 90 -13.73 10.76 8.15
C GLU B 90 -12.55 10.29 8.99
N ALA B 91 -11.56 9.72 8.32
CA ALA B 91 -10.30 9.37 8.98
C ALA B 91 -9.35 10.56 8.83
N ARG B 92 -8.80 11.03 9.95
CA ARG B 92 -7.87 12.16 9.88
C ARG B 92 -6.41 11.68 10.03
N ALA B 93 -5.59 12.00 9.03
CA ALA B 93 -4.17 11.62 9.00
C ALA B 93 -3.41 12.19 10.19
N SER B 94 -3.85 13.36 10.66
CA SER B 94 -3.18 14.07 11.77
C SER B 94 -3.55 13.51 13.14
N ARG B 95 -4.63 12.73 13.19
CA ARG B 95 -5.16 12.13 14.41
C ARG B 95 -5.60 10.71 14.10
N MET B 96 -4.66 9.84 13.73
CA MET B 96 -5.03 8.48 13.34
CA MET B 96 -5.02 8.47 13.35
C MET B 96 -5.62 7.66 14.48
N CYS B 97 -5.18 7.92 15.71
CA CYS B 97 -5.75 7.20 16.86
C CYS B 97 -7.17 7.65 17.25
N SER B 98 -7.66 8.69 16.58
CA SER B 98 -9.05 9.10 16.73
C SER B 98 -10.02 8.23 15.94
N SER B 99 -9.53 7.47 14.96
CA SER B 99 -10.34 6.48 14.28
C SER B 99 -10.57 5.30 15.21
N PRO B 100 -11.68 4.56 15.03
CA PRO B 100 -11.99 3.42 15.88
C PRO B 100 -10.92 2.33 15.83
N GLU B 101 -10.68 1.69 16.97
CA GLU B 101 -9.99 0.41 16.98
C GLU B 101 -10.71 -0.53 16.05
N THR B 102 -9.95 -1.30 15.29
CA THR B 102 -10.53 -2.11 14.23
C THR B 102 -11.16 -3.43 14.67
N GLY B 103 -10.84 -3.89 15.87
CA GLY B 103 -11.33 -5.18 16.34
C GLY B 103 -10.57 -6.37 15.82
N LEU B 104 -9.43 -6.13 15.18
CA LEU B 104 -8.60 -7.23 14.70
C LEU B 104 -8.16 -8.10 15.90
N SER B 105 -8.04 -9.40 15.66
CA SER B 105 -7.59 -10.31 16.68
C SER B 105 -6.15 -9.96 17.08
N LEU B 106 -5.76 -10.40 18.27
CA LEU B 106 -4.37 -10.21 18.71
C LEU B 106 -3.36 -10.89 17.78
N GLU B 107 -3.72 -12.05 17.24
CA GLU B 107 -2.86 -12.79 16.33
C GLU B 107 -2.64 -11.97 15.05
N THR B 108 -3.72 -11.47 14.48
CA THR B 108 -3.62 -10.61 13.29
C THR B 108 -2.87 -9.30 13.57
N ALA B 109 -3.14 -8.69 14.71
CA ALA B 109 -2.47 -7.46 15.11
C ALA B 109 -0.94 -7.66 15.17
N ALA B 110 -0.51 -8.80 15.71
CA ALA B 110 0.92 -9.04 15.83
C ALA B 110 1.56 -9.29 14.45
N LYS B 111 0.87 -10.03 13.58
CA LYS B 111 1.33 -10.29 12.21
C LYS B 111 1.40 -9.00 11.40
N LEU B 112 0.36 -8.19 11.55
CA LEU B 112 0.31 -6.88 10.93
C LEU B 112 1.47 -5.97 11.36
N SER B 113 1.75 -5.95 12.66
CA SER B 113 2.81 -5.09 13.18
C SER B 113 4.15 -5.38 12.52
N GLU B 114 4.40 -6.66 12.21
CA GLU B 114 5.66 -7.09 11.62
C GLU B 114 5.93 -6.39 10.29
N VAL B 115 4.86 -6.07 9.57
CA VAL B 115 4.99 -5.57 8.19
C VAL B 115 4.35 -4.20 8.01
N MET B 116 3.78 -3.68 9.08
CA MET B 116 3.25 -2.33 9.11
C MET B 116 3.70 -1.67 10.40
N PRO B 117 4.92 -1.09 10.40
CA PRO B 117 5.56 -0.61 11.62
C PRO B 117 4.74 0.43 12.36
N GLY B 118 3.92 1.17 11.62
CA GLY B 118 3.04 2.18 12.19
C GLY B 118 1.69 1.71 12.74
N ALA B 119 1.44 0.40 12.70
CA ALA B 119 0.21 -0.16 13.28
C ALA B 119 0.26 -0.07 14.80
N GLY B 120 -0.89 0.28 15.39
CA GLY B 120 -1.09 0.08 16.82
C GLY B 120 -0.44 1.14 17.68
N GLY B 121 -0.23 0.80 18.95
CA GLY B 121 0.36 1.74 19.88
C GLY B 121 -0.41 3.03 19.86
N ARG B 122 0.31 4.14 19.84
CA ARG B 122 -0.28 5.45 19.75
C ARG B 122 0.00 6.00 18.34
N SER B 123 0.17 5.07 17.38
CA SER B 123 0.42 5.44 16.00
C SER B 123 -0.83 5.18 15.16
N CYS B 124 -1.33 3.94 15.21
CA CYS B 124 -2.69 3.60 14.76
C CYS B 124 -2.89 3.71 13.26
N LEU B 125 -1.85 3.48 12.47
CA LEU B 125 -2.02 3.52 11.02
C LEU B 125 -3.16 2.61 10.53
N GLU B 126 -3.25 1.42 11.11
CA GLU B 126 -4.28 0.47 10.72
C GLU B 126 -5.71 0.97 11.04
N ARG B 127 -5.86 1.75 12.11
CA ARG B 127 -7.17 2.36 12.40
C ARG B 127 -7.59 3.30 11.29
N TYR B 128 -6.67 4.21 10.94
CA TYR B 128 -6.88 5.16 9.87
C TYR B 128 -7.16 4.45 8.56
N GLU B 129 -6.34 3.43 8.24
CA GLU B 129 -6.48 2.71 6.99
C GLU B 129 -7.82 2.00 6.87
N TYR B 130 -8.25 1.34 7.94
CA TYR B 130 -9.52 0.63 7.93
C TYR B 130 -10.68 1.63 7.83
N ALA B 131 -10.60 2.71 8.58
CA ALA B 131 -11.64 3.77 8.52
C ALA B 131 -11.82 4.39 7.13
N LYS B 132 -10.73 4.60 6.40
CA LYS B 132 -10.79 5.24 5.12
C LYS B 132 -11.13 4.23 4.00
N HIS B 133 -10.67 3.00 4.16
CA HIS B 133 -10.72 2.08 3.03
C HIS B 133 -11.47 0.78 3.26
N GLY B 134 -11.93 0.51 4.49
CA GLY B 134 -12.53 -0.78 4.77
C GLY B 134 -13.89 -0.77 5.44
N ALA B 135 -14.11 0.22 6.31
CA ALA B 135 -15.27 0.23 7.21
C ALA B 135 -16.55 0.26 6.38
N CYS B 136 -16.56 1.05 5.31
CA CYS B 136 -17.80 1.19 4.51
C CYS B 136 -18.12 -0.05 3.68
N PHE B 137 -17.11 -0.90 3.44
CA PHE B 137 -17.34 -2.17 2.74
C PHE B 137 -17.74 -3.32 3.67
N GLY B 138 -17.66 -3.08 4.97
CA GLY B 138 -17.89 -4.13 5.96
C GLY B 138 -16.88 -5.27 5.88
N PHE B 139 -15.64 -4.96 5.47
CA PHE B 139 -14.61 -5.98 5.46
C PHE B 139 -14.38 -6.51 6.85
N ASP B 140 -14.21 -7.82 6.96
CA ASP B 140 -13.73 -8.35 8.21
C ASP B 140 -12.29 -7.87 8.41
N PRO B 141 -12.00 -7.21 9.54
CA PRO B 141 -10.62 -6.69 9.78
C PRO B 141 -9.56 -7.77 9.73
N ASP B 142 -9.83 -8.94 10.30
CA ASP B 142 -8.85 -10.03 10.20
C ASP B 142 -8.61 -10.43 8.74
N ALA B 143 -9.68 -10.50 7.95
CA ALA B 143 -9.53 -10.91 6.54
C ALA B 143 -8.78 -9.83 5.77
N TYR B 144 -9.09 -8.60 6.12
CA TYR B 144 -8.57 -7.42 5.44
C TYR B 144 -7.08 -7.28 5.72
N PHE B 145 -6.72 -7.17 6.99
CA PHE B 145 -5.30 -7.11 7.35
C PHE B 145 -4.51 -8.36 7.04
N GLY B 146 -5.12 -9.52 7.19
CA GLY B 146 -4.48 -10.78 6.81
C GLY B 146 -4.15 -10.81 5.35
N THR B 147 -5.07 -10.29 4.53
CA THR B 147 -4.84 -10.22 3.08
C THR B 147 -3.66 -9.31 2.76
N MET B 148 -3.63 -8.10 3.34
CA MET B 148 -2.49 -7.18 3.21
C MET B 148 -1.17 -7.84 3.53
N VAL B 149 -1.15 -8.51 4.67
CA VAL B 149 0.04 -9.24 5.14
C VAL B 149 0.47 -10.28 4.13
N ARG B 150 -0.47 -11.14 3.69
CA ARG B 150 -0.17 -12.19 2.73
C ARG B 150 0.34 -11.60 1.42
N LEU B 151 -0.34 -10.59 0.89
CA LEU B 151 0.08 -9.96 -0.38
C LEU B 151 1.46 -9.35 -0.29
N ASN B 152 1.73 -8.65 0.81
CA ASN B 152 3.05 -8.08 1.05
C ASN B 152 4.13 -9.17 1.01
N GLN B 153 3.87 -10.30 1.68
CA GLN B 153 4.75 -11.47 1.70
CA GLN B 153 4.82 -11.42 1.68
C GLN B 153 5.02 -11.96 0.28
N GLU B 154 3.93 -12.10 -0.50
CA GLU B 154 4.06 -12.60 -1.86
C GLU B 154 4.96 -11.70 -2.69
N ILE B 155 4.77 -10.38 -2.56
CA ILE B 155 5.61 -9.43 -3.30
C ILE B 155 7.06 -9.52 -2.79
N LYS B 156 7.23 -9.53 -1.48
CA LYS B 156 8.57 -9.55 -0.87
C LYS B 156 9.41 -10.73 -1.32
N GLU B 157 8.76 -11.90 -1.38
CA GLU B 157 9.40 -13.16 -1.75
C GLU B 157 9.57 -13.36 -3.25
N SER B 158 8.87 -12.56 -4.05
CA SER B 158 9.00 -12.58 -5.49
C SER B 158 10.34 -11.97 -5.96
N GLU B 159 10.60 -12.06 -7.25
CA GLU B 159 11.81 -11.45 -7.83
C GLU B 159 11.82 -9.93 -7.68
N ALA B 160 10.64 -9.34 -7.55
CA ALA B 160 10.56 -7.89 -7.29
C ALA B 160 11.15 -7.55 -5.90
N GLY B 161 10.75 -8.30 -4.89
CA GLY B 161 11.24 -8.10 -3.55
C GLY B 161 12.73 -8.39 -3.48
N LYS B 162 13.15 -9.48 -4.12
CA LYS B 162 14.57 -9.84 -4.15
C LYS B 162 15.39 -8.76 -4.85
N PHE B 163 14.81 -8.16 -5.90
CA PHE B 163 15.48 -7.08 -6.62
C PHE B 163 15.73 -5.90 -5.68
N LEU B 164 14.73 -5.53 -4.89
CA LEU B 164 14.91 -4.41 -3.93
C LEU B 164 16.02 -4.73 -2.91
N ALA B 165 15.98 -5.95 -2.35
CA ALA B 165 17.01 -6.39 -1.41
C ALA B 165 18.39 -6.38 -2.06
N ASP B 166 18.51 -6.95 -3.26
CA ASP B 166 19.81 -7.14 -3.93
C ASP B 166 20.40 -5.80 -4.34
N ASN B 167 19.52 -4.81 -4.46
CA ASN B 167 19.96 -3.47 -4.91
C ASN B 167 19.80 -2.44 -3.83
N TYR B 168 19.77 -2.91 -2.60
CA TYR B 168 19.63 -2.04 -1.45
C TYR B 168 20.72 -0.96 -1.44
N GLY B 169 20.28 0.30 -1.33
CA GLY B 169 21.16 1.49 -1.35
C GLY B 169 21.71 1.87 -2.72
N LYS B 170 21.36 1.13 -3.77
CA LYS B 170 21.91 1.39 -5.10
C LYS B 170 20.95 2.15 -6.01
N THR B 171 21.49 2.71 -7.08
CA THR B 171 20.69 3.25 -8.14
C THR B 171 20.26 2.12 -9.05
N VAL B 172 18.97 2.04 -9.30
CA VAL B 172 18.42 1.02 -10.18
C VAL B 172 17.69 1.70 -11.32
N SER B 173 17.48 0.98 -12.43
CA SER B 173 16.63 1.44 -13.53
C SER B 173 15.25 0.82 -13.45
N ARG B 174 14.25 1.60 -13.89
CA ARG B 174 12.93 1.03 -14.09
CA ARG B 174 12.91 1.03 -14.10
C ARG B 174 13.01 -0.19 -15.00
N ARG B 175 13.90 -0.14 -16.00
CA ARG B 175 14.10 -1.30 -16.90
C ARG B 175 14.32 -2.59 -16.08
N ASP B 176 15.29 -2.54 -15.17
CA ASP B 176 15.67 -3.72 -14.42
C ASP B 176 14.65 -4.08 -13.35
N PHE B 177 14.05 -3.07 -12.74
CA PHE B 177 12.98 -3.37 -11.78
C PHE B 177 11.86 -4.09 -12.51
N ASP B 178 11.49 -3.57 -13.69
CA ASP B 178 10.38 -4.14 -14.46
C ASP B 178 10.71 -5.57 -14.89
N ALA B 179 11.96 -5.82 -15.28
CA ALA B 179 12.36 -7.18 -15.67
C ALA B 179 12.20 -8.14 -14.49
N ALA B 180 12.52 -7.67 -13.29
CA ALA B 180 12.39 -8.47 -12.06
C ALA B 180 10.92 -8.77 -11.79
N PHE B 181 10.07 -7.74 -11.88
CA PHE B 181 8.63 -7.94 -11.66
C PHE B 181 8.08 -8.94 -12.70
N ALA B 182 8.50 -8.75 -13.95
CA ALA B 182 8.08 -9.58 -15.08
C ALA B 182 8.51 -11.03 -14.86
N LYS B 183 9.68 -11.24 -14.27
CA LYS B 183 10.16 -12.60 -14.06
C LYS B 183 9.16 -13.41 -13.23
N SER B 184 8.58 -12.76 -12.22
CA SER B 184 7.67 -13.43 -11.31
C SER B 184 6.24 -13.39 -11.79
N TRP B 185 5.86 -12.28 -12.44
CA TRP B 185 4.43 -11.93 -12.54
C TRP B 185 3.96 -11.72 -13.96
N GLY B 186 4.89 -11.67 -14.92
CA GLY B 186 4.61 -11.51 -16.35
C GLY B 186 4.90 -10.11 -16.90
N LYS B 187 5.47 -10.00 -18.10
CA LYS B 187 5.77 -8.68 -18.70
C LYS B 187 4.52 -7.82 -18.84
N GLU B 188 3.38 -8.49 -19.09
CA GLU B 188 2.10 -7.80 -19.29
CA GLU B 188 2.06 -7.88 -19.27
C GLU B 188 1.58 -7.15 -18.01
N ASN B 189 2.17 -7.51 -16.88
CA ASN B 189 1.71 -6.98 -15.61
C ASN B 189 2.61 -5.90 -15.01
N VAL B 190 3.69 -5.56 -15.72
CA VAL B 190 4.63 -4.53 -15.24
C VAL B 190 3.88 -3.23 -15.03
N LYS B 191 2.93 -2.93 -15.90
CA LYS B 191 2.17 -1.70 -15.81
C LYS B 191 1.10 -1.71 -14.74
N ALA B 192 0.95 -2.82 -14.03
CA ALA B 192 0.10 -2.83 -12.84
C ALA B 192 0.78 -2.16 -11.63
N VAL B 193 2.05 -1.74 -11.81
CA VAL B 193 2.87 -1.18 -10.75
C VAL B 193 3.13 0.30 -10.96
N LYS B 194 2.79 1.09 -9.95
CA LYS B 194 3.11 2.52 -9.95
C LYS B 194 4.17 2.75 -8.89
N LEU B 195 5.26 3.42 -9.28
CA LEU B 195 6.38 3.68 -8.39
C LEU B 195 6.42 5.16 -8.06
N THR B 196 6.50 5.47 -6.77
CA THR B 196 6.61 6.85 -6.30
C THR B 196 7.97 7.04 -5.68
N CYS B 197 8.53 8.20 -6.01
CA CYS B 197 9.86 8.61 -5.57
C CYS B 197 9.78 10.02 -4.99
N GLN B 198 10.78 10.34 -4.16
CA GLN B 198 10.90 11.72 -3.69
C GLN B 198 12.36 12.10 -3.72
N GLY B 199 12.62 13.41 -3.62
CA GLY B 199 13.97 13.90 -3.37
C GLY B 199 14.83 14.01 -4.62
N ASN B 200 16.09 14.36 -4.37
CA ASN B 200 17.08 14.56 -5.42
C ASN B 200 18.49 14.36 -4.84
N PRO B 201 19.20 13.29 -5.27
CA PRO B 201 18.78 12.25 -6.21
C PRO B 201 17.51 11.55 -5.71
N ALA B 202 16.61 11.28 -6.65
CA ALA B 202 15.33 10.61 -6.36
C ALA B 202 15.52 9.23 -5.78
N TYR B 203 14.71 8.93 -4.75
CA TYR B 203 14.72 7.62 -4.16
C TYR B 203 13.30 7.10 -4.02
N LEU B 204 13.20 5.76 -3.97
CA LEU B 204 11.92 5.04 -3.90
C LEU B 204 11.23 5.31 -2.57
N THR B 205 9.93 5.60 -2.63
CA THR B 205 9.13 5.70 -1.40
C THR B 205 7.91 4.77 -1.36
N GLU B 206 7.33 4.45 -2.51
CA GLU B 206 6.13 3.63 -2.48
C GLU B 206 5.99 2.80 -3.76
N ILE B 207 5.41 1.63 -3.60
CA ILE B 207 5.08 0.75 -4.74
C ILE B 207 3.58 0.49 -4.61
N GLN B 208 2.81 0.86 -5.64
CA GLN B 208 1.36 0.59 -5.65
C GLN B 208 1.08 -0.45 -6.72
N ILE B 209 0.37 -1.50 -6.34
CA ILE B 209 0.13 -2.59 -7.25
C ILE B 209 -1.37 -2.76 -7.41
N SER B 210 -1.83 -2.74 -8.67
CA SER B 210 -3.26 -2.85 -8.98
C SER B 210 -3.64 -4.29 -9.21
N ILE B 211 -4.57 -4.76 -8.39
CA ILE B 211 -5.02 -6.14 -8.40
C ILE B 211 -6.51 -6.19 -8.74
N LYS B 212 -6.88 -7.13 -9.61
CA LYS B 212 -8.30 -7.37 -9.94
C LYS B 212 -9.09 -7.65 -8.67
N ALA B 213 -10.22 -6.99 -8.53
CA ALA B 213 -11.04 -7.16 -7.32
C ALA B 213 -11.47 -8.60 -7.11
N ASP B 214 -11.83 -9.27 -8.20
CA ASP B 214 -12.21 -10.70 -8.15
C ASP B 214 -11.05 -11.68 -7.92
N ALA B 215 -9.81 -11.17 -7.86
CA ALA B 215 -8.63 -12.02 -7.66
C ALA B 215 -8.01 -11.85 -6.28
N ILE B 216 -8.61 -11.00 -5.45
CA ILE B 216 -7.92 -10.58 -4.20
C ILE B 216 -7.65 -11.72 -3.21
N ASN B 217 -8.52 -12.73 -3.25
CA ASN B 217 -8.40 -13.84 -2.30
C ASN B 217 -7.53 -15.00 -2.76
N ALA B 218 -7.07 -14.94 -4.01
CA ALA B 218 -6.20 -15.99 -4.55
C ALA B 218 -4.73 -15.55 -4.41
N PRO B 219 -3.81 -16.52 -4.30
CA PRO B 219 -2.41 -16.10 -4.34
C PRO B 219 -2.15 -15.41 -5.68
N LEU B 220 -1.23 -14.45 -5.70
CA LEU B 220 -1.02 -13.67 -6.92
C LEU B 220 -0.46 -14.51 -8.04
N SER B 221 -0.99 -14.31 -9.23
CA SER B 221 -0.50 -14.91 -10.45
C SER B 221 -0.62 -13.90 -11.57
N ALA B 222 -0.16 -14.31 -12.75
CA ALA B 222 -0.18 -13.50 -13.95
C ALA B 222 -1.58 -13.03 -14.29
N ASN B 223 -2.60 -13.70 -13.75
CA ASN B 223 -3.97 -13.30 -14.04
C ASN B 223 -4.58 -12.36 -13.00
N SER B 224 -3.81 -12.01 -11.97
CA SER B 224 -4.36 -11.26 -10.82
C SER B 224 -4.37 -9.75 -11.00
N PHE B 225 -3.56 -9.26 -11.94
CA PHE B 225 -3.22 -7.83 -11.98
C PHE B 225 -4.06 -7.07 -12.99
N LEU B 226 -4.21 -5.77 -12.74
CA LEU B 226 -4.87 -4.87 -13.66
C LEU B 226 -3.88 -3.78 -14.05
N PRO B 227 -3.23 -3.93 -15.21
CA PRO B 227 -2.35 -2.89 -15.74
C PRO B 227 -3.04 -1.55 -15.82
N GLN B 228 -2.29 -0.49 -15.59
CA GLN B 228 -2.87 0.82 -15.58
CA GLN B 228 -2.81 0.87 -15.47
C GLN B 228 -1.92 1.79 -16.28
N PRO B 229 -2.42 2.99 -16.69
CA PRO B 229 -1.61 3.85 -17.52
C PRO B 229 -0.52 4.67 -16.84
N HIS B 230 -0.46 4.67 -15.49
CA HIS B 230 0.35 5.63 -14.72
C HIS B 230 1.54 4.92 -14.06
N PRO B 231 2.77 5.10 -14.57
CA PRO B 231 3.92 4.40 -14.00
C PRO B 231 4.42 4.99 -12.68
N GLY B 232 3.99 6.20 -12.37
CA GLY B 232 4.46 6.90 -11.16
C GLY B 232 5.53 7.93 -11.51
N ASN B 233 6.02 8.65 -10.49
CA ASN B 233 6.95 9.76 -10.76
C ASN B 233 8.45 9.44 -10.66
N CYS B 234 8.82 8.16 -10.55
CA CYS B 234 10.23 7.77 -10.37
C CYS B 234 11.24 8.02 -11.53
N GLY B 235 10.75 8.16 -12.75
CA GLY B 235 11.69 8.37 -13.87
C GLY B 235 12.47 7.11 -14.15
N LYS B 236 13.47 7.23 -15.00
CA LYS B 236 14.12 6.07 -15.56
C LYS B 236 15.01 5.33 -14.57
N THR B 237 15.62 6.07 -13.63
CA THR B 237 16.47 5.48 -12.61
C THR B 237 16.19 6.17 -11.29
N PHE B 238 16.49 5.47 -10.19
CA PHE B 238 16.21 6.04 -8.87
C PHE B 238 16.95 5.19 -7.84
N VAL B 239 17.06 5.72 -6.62
CA VAL B 239 17.84 5.04 -5.58
C VAL B 239 16.93 4.23 -4.68
N ILE B 240 17.36 3.02 -4.38
CA ILE B 240 16.68 2.20 -3.37
C ILE B 240 17.19 2.68 -2.00
N ASP B 241 16.47 3.62 -1.41
CA ASP B 241 16.93 4.29 -0.18
C ASP B 241 17.37 3.32 0.91
N LYS B 242 18.53 3.62 1.50
CA LYS B 242 19.12 2.91 2.64
C LYS B 242 18.61 3.48 3.95
N ALA B 243 18.59 2.64 4.98
CA ALA B 243 18.25 3.07 6.32
C ALA B 243 19.28 4.13 6.73
N GLY B 244 18.82 5.10 7.50
CA GLY B 244 19.62 6.27 7.86
C GLY B 244 19.26 7.47 7.00
N TYR B 245 19.41 8.67 7.56
CA TYR B 245 19.05 9.88 6.82
C TYR B 245 20.20 10.49 6.02
CA CA C . 17.63 6.90 3.88
#